data_4BKL
#
_entry.id   4BKL
#
_cell.length_a   95.180
_cell.length_b   95.180
_cell.length_c   190.420
_cell.angle_alpha   90.00
_cell.angle_beta   90.00
_cell.angle_gamma   120.00
#
_symmetry.space_group_name_H-M   'P 31 2 1'
#
loop_
_entity.id
_entity.type
_entity.pdbx_description
1 polymer 'M2139 FAB FRAGMENT HEAVY CHAIN'
2 polymer 'M2139 FAB FRAGMENT LIGHT CHAIN'
3 polymer 'J1 EPITOPE'
#
loop_
_entity_poly.entity_id
_entity_poly.type
_entity_poly.pdbx_seq_one_letter_code
_entity_poly.pdbx_strand_id
1 'polypeptide(L)'
;QVQLQQSGAELAKPGTSVKMSCKASGYTFISYWMNWVKQRPGQGLEWIGAINPSDGYTEYNQKFKDKAIMTADRSSSTAY
MQLSSLTSEDSALYYCARYGGYFDYWGQGTTLTVSSAKTTPPSVYPLAPGCGDTTGSSVTLGCLVKGYFPESVTVTWSSG
SLSSSVHTFPALLQSGLYTMSSSVTVPSSTWPSQTVTCSVAHPASSTTVDKKLEPSGPISTINPCPPCKEC
;
A
2 'polypeptide(L)'
;DIVLTQSPASLAVSLGQRATISCRASESVEYFGTSLMQWYQQKPGQPPKLLIYAASNVESGVPARFSGSGSGTDFSLNIH
PVEEDDIAMYFCQQSREVPYTFGGGSKLEIKRADAAPTVSIFPPSSEQLTSGGASVVCFLNNFYPKDINVKWKIDGSERQ
NGVLNSWTDQDSKDSTYSMSSTLTLTKDEYERHNSYTCEATHKTSTSPIVKSFNRNEC
;
B
3 'polypeptide(L)' GP(HYP)GP(HYP)GP(HYP)GP(HYP)GP(HYP)GM(HYP)GERGAAGIAGPKGP(HYP)GP(HYP)G E,F,G
#
# COMPACT_ATOMS: atom_id res chain seq x y z
N GLN A 1 -19.08 -12.34 5.30
CA GLN A 1 -17.71 -12.93 5.29
C GLN A 1 -16.89 -12.34 6.44
N VAL A 2 -15.84 -13.07 6.82
CA VAL A 2 -14.75 -12.57 7.67
C VAL A 2 -14.41 -11.11 7.31
N GLN A 3 -14.36 -10.25 8.31
CA GLN A 3 -14.02 -8.83 8.09
C GLN A 3 -13.28 -8.18 9.25
N LEU A 4 -12.31 -7.33 8.89
CA LEU A 4 -11.43 -6.69 9.87
C LEU A 4 -11.50 -5.16 9.76
N GLN A 5 -12.53 -4.60 10.39
CA GLN A 5 -12.81 -3.19 10.29
C GLN A 5 -11.80 -2.44 11.13
N GLN A 6 -10.88 -1.79 10.45
CA GLN A 6 -9.85 -0.98 11.10
C GLN A 6 -10.27 0.45 11.33
N SER A 7 -9.71 1.08 12.35
CA SER A 7 -10.09 2.47 12.67
C SER A 7 -9.53 3.50 11.69
N GLY A 8 -10.08 4.71 11.83
CA GLY A 8 -9.73 5.85 10.98
C GLY A 8 -8.29 6.28 11.05
N ALA A 9 -7.87 7.03 10.04
CA ALA A 9 -6.49 7.52 9.97
C ALA A 9 -6.29 8.56 11.04
N GLU A 10 -5.00 8.85 11.27
CA GLU A 10 -4.55 9.58 12.45
C GLU A 10 -3.32 10.41 12.20
N LEU A 11 -3.33 11.61 12.77
CA LEU A 11 -2.14 12.43 12.83
C LEU A 11 -1.83 12.84 14.29
N ALA A 12 -0.55 12.76 14.67
CA ALA A 12 -0.16 13.07 16.05
C ALA A 12 1.16 13.84 16.16
N LYS A 13 1.24 14.71 17.17
CA LYS A 13 2.45 15.47 17.42
C LYS A 13 3.46 14.51 18.05
N PRO A 14 4.74 14.62 17.68
CA PRO A 14 5.67 13.61 18.19
C PRO A 14 5.70 13.64 19.71
N GLY A 15 5.97 12.49 20.31
CA GLY A 15 5.94 12.36 21.76
C GLY A 15 4.56 12.13 22.37
N THR A 16 3.51 12.06 21.57
CA THR A 16 2.18 11.76 22.11
C THR A 16 1.81 10.27 21.97
N SER A 17 0.74 9.86 22.64
CA SER A 17 0.25 8.48 22.51
C SER A 17 -0.79 8.40 21.39
N VAL A 18 -1.11 7.18 20.99
CA VAL A 18 -2.10 6.89 19.93
C VAL A 18 -2.65 5.49 20.11
N LYS A 19 -3.97 5.37 20.07
CA LYS A 19 -4.64 4.07 20.21
C LYS A 19 -5.40 3.72 18.94
N MET A 20 -5.37 2.45 18.57
CA MET A 20 -5.90 2.00 17.31
C MET A 20 -6.77 0.76 17.47
N SER A 21 -7.66 0.60 16.51
CA SER A 21 -8.71 -0.38 16.62
C SER A 21 -8.73 -1.32 15.42
N CYS A 22 -9.38 -2.47 15.62
CA CYS A 22 -9.56 -3.48 14.57
C CYS A 22 -10.74 -4.39 14.93
N LYS A 23 -11.96 -3.87 14.75
CA LYS A 23 -13.16 -4.65 15.00
C LYS A 23 -13.22 -5.88 14.11
N ALA A 24 -13.22 -7.05 14.73
CA ALA A 24 -13.23 -8.31 13.99
C ALA A 24 -14.65 -8.81 13.91
N SER A 25 -14.94 -9.53 12.81
CA SER A 25 -16.28 -10.06 12.54
C SER A 25 -16.27 -11.22 11.56
N GLY A 26 -17.25 -12.11 11.70
CA GLY A 26 -17.45 -13.21 10.77
C GLY A 26 -16.75 -14.50 11.13
N TYR A 27 -16.12 -14.58 12.30
CA TYR A 27 -15.47 -15.83 12.77
C TYR A 27 -15.38 -15.75 14.29
N THR A 28 -15.11 -16.85 14.99
CA THR A 28 -14.97 -16.76 16.46
C THR A 28 -13.73 -15.96 16.81
N PHE A 29 -13.87 -14.87 17.58
CA PHE A 29 -12.75 -13.93 17.82
C PHE A 29 -11.60 -14.61 18.55
N ILE A 30 -12.01 -15.38 19.53
CA ILE A 30 -11.15 -16.10 20.43
C ILE A 30 -10.24 -17.09 19.72
N SER A 31 -10.76 -17.74 18.69
CA SER A 31 -10.12 -18.92 18.20
C SER A 31 -8.87 -18.68 17.41
N TYR A 32 -8.64 -17.44 16.98
CA TYR A 32 -7.50 -17.12 16.13
C TYR A 32 -6.67 -16.03 16.76
N TRP A 33 -5.37 -16.30 16.88
CA TRP A 33 -4.38 -15.29 17.22
C TRP A 33 -4.52 -14.18 16.23
N MET A 34 -4.55 -12.94 16.71
CA MET A 34 -4.53 -11.75 15.86
C MET A 34 -3.14 -11.09 15.87
N ASN A 35 -2.64 -10.66 14.72
CA ASN A 35 -1.33 -10.01 14.61
C ASN A 35 -1.37 -8.57 14.12
N TRP A 36 -0.25 -7.87 14.26
CA TRP A 36 -0.12 -6.49 13.78
C TRP A 36 1.13 -6.35 12.95
N VAL A 37 1.01 -5.66 11.82
CA VAL A 37 2.14 -5.41 10.93
C VAL A 37 2.32 -3.95 10.65
N LYS A 38 3.55 -3.58 10.29
CA LYS A 38 3.86 -2.20 9.99
C LYS A 38 4.45 -2.11 8.58
N GLN A 39 3.84 -1.24 7.79
CA GLN A 39 4.35 -0.95 6.46
C GLN A 39 4.65 0.51 6.30
N ARG A 40 5.89 0.77 5.92
CA ARG A 40 6.34 2.10 5.60
C ARG A 40 6.48 2.13 4.08
N PRO A 41 5.82 3.10 3.41
CA PRO A 41 5.71 2.95 1.97
C PRO A 41 7.08 2.89 1.32
N GLY A 42 7.23 1.98 0.36
CA GLY A 42 8.50 1.79 -0.33
C GLY A 42 9.50 1.02 0.50
N GLN A 43 9.02 0.42 1.58
CA GLN A 43 9.82 -0.49 2.38
C GLN A 43 8.95 -1.69 2.79
N GLY A 44 9.60 -2.77 3.19
CA GLY A 44 8.92 -4.02 3.47
C GLY A 44 7.98 -4.00 4.65
N LEU A 45 7.42 -5.18 4.90
CA LEU A 45 6.46 -5.37 5.98
C LEU A 45 7.19 -5.84 7.24
N GLU A 46 6.96 -5.19 8.37
CA GLU A 46 7.65 -5.49 9.64
C GLU A 46 6.66 -6.02 10.67
N TRP A 47 6.87 -7.27 11.13
CA TRP A 47 5.96 -7.87 12.14
C TRP A 47 6.14 -7.20 13.46
N ILE A 48 5.05 -6.72 14.04
CA ILE A 48 5.15 -5.99 15.29
C ILE A 48 5.02 -6.94 16.44
N GLY A 49 3.88 -7.62 16.46
CA GLY A 49 3.59 -8.58 17.48
C GLY A 49 2.28 -9.27 17.19
N ALA A 50 1.87 -10.10 18.12
CA ALA A 50 0.58 -10.75 18.04
C ALA A 50 -0.06 -10.89 19.42
N ILE A 51 -1.37 -10.88 19.48
CA ILE A 51 -2.08 -11.10 20.72
C ILE A 51 -3.15 -12.15 20.55
N ASN A 52 -3.07 -13.22 21.34
CA ASN A 52 -4.20 -14.14 21.50
C ASN A 52 -5.27 -13.42 22.31
N PRO A 53 -6.53 -13.44 21.86
CA PRO A 53 -7.54 -12.63 22.53
C PRO A 53 -8.34 -13.39 23.55
N SER A 54 -8.35 -14.71 23.46
CA SER A 54 -9.05 -15.53 24.46
C SER A 54 -8.57 -15.29 25.92
N ASP A 55 -7.30 -14.89 26.07
CA ASP A 55 -6.71 -14.62 27.39
C ASP A 55 -6.06 -13.23 27.55
N GLY A 56 -5.67 -12.57 26.47
CA GLY A 56 -5.01 -11.26 26.53
C GLY A 56 -3.51 -11.42 26.39
N TYR A 57 -3.08 -12.68 26.31
CA TYR A 57 -1.66 -12.98 26.24
C TYR A 57 -1.10 -12.39 24.96
N THR A 58 0.17 -12.04 24.97
CA THR A 58 0.74 -11.30 23.88
C THR A 58 2.17 -11.68 23.65
N GLU A 59 2.65 -11.48 22.43
CA GLU A 59 4.05 -11.74 22.11
C GLU A 59 4.52 -10.70 21.13
N TYR A 60 5.63 -10.04 21.44
CA TYR A 60 6.15 -8.92 20.65
C TYR A 60 7.47 -9.26 19.96
N ASN A 61 7.66 -8.64 18.81
CA ASN A 61 8.96 -8.64 18.21
C ASN A 61 9.77 -7.82 19.17
N GLN A 62 11.05 -8.17 19.30
CA GLN A 62 11.98 -7.46 20.17
C GLN A 62 11.95 -5.97 19.94
N LYS A 63 11.95 -5.57 18.67
CA LYS A 63 12.05 -4.18 18.30
C LYS A 63 10.93 -3.33 18.91
N PHE A 64 9.71 -3.83 18.90
CA PHE A 64 8.57 -2.96 19.22
C PHE A 64 8.12 -3.05 20.65
N LYS A 65 8.88 -3.78 21.48
CA LYS A 65 8.45 -4.08 22.86
C LYS A 65 8.15 -2.85 23.71
N ASP A 66 8.95 -1.79 23.55
CA ASP A 66 8.77 -0.55 24.32
C ASP A 66 7.69 0.34 23.73
N LYS A 67 7.46 0.20 22.42
CA LYS A 67 6.57 1.08 21.64
C LYS A 67 5.09 0.64 21.66
N ALA A 68 4.92 -0.63 21.30
CA ALA A 68 3.62 -1.23 20.98
C ALA A 68 2.99 -1.89 22.19
N ILE A 69 1.72 -1.64 22.45
CA ILE A 69 1.04 -2.26 23.59
C ILE A 69 -0.33 -2.85 23.15
N MET A 70 -0.31 -4.15 22.83
CA MET A 70 -1.49 -4.84 22.28
C MET A 70 -2.57 -5.19 23.32
N THR A 71 -3.82 -4.94 22.99
CA THR A 71 -4.97 -5.22 23.87
C THR A 71 -6.10 -5.85 23.09
N ALA A 72 -7.02 -6.50 23.81
CA ALA A 72 -8.24 -7.08 23.23
C ALA A 72 -9.46 -7.06 24.16
N ASP A 73 -10.64 -6.84 23.56
CA ASP A 73 -11.92 -6.85 24.27
C ASP A 73 -12.80 -7.96 23.70
N ARG A 74 -13.12 -8.97 24.51
CA ARG A 74 -13.93 -10.10 24.05
C ARG A 74 -15.38 -9.74 23.73
N SER A 75 -15.98 -8.85 24.51
CA SER A 75 -17.35 -8.43 24.23
C SER A 75 -17.40 -7.74 22.88
N SER A 76 -16.54 -6.74 22.71
CA SER A 76 -16.48 -5.90 21.50
C SER A 76 -16.05 -6.64 20.23
N SER A 77 -15.46 -7.82 20.40
CA SER A 77 -14.82 -8.54 19.31
C SER A 77 -13.87 -7.59 18.58
N THR A 78 -13.16 -6.80 19.39
CA THR A 78 -12.22 -5.78 18.92
C THR A 78 -10.82 -6.02 19.47
N ALA A 79 -9.83 -5.80 18.62
CA ALA A 79 -8.43 -5.82 19.02
C ALA A 79 -7.89 -4.39 18.96
N TYR A 80 -7.09 -4.05 19.95
CA TYR A 80 -6.49 -2.73 20.00
C TYR A 80 -4.99 -2.81 20.01
N MET A 81 -4.39 -1.71 19.56
CA MET A 81 -2.96 -1.48 19.62
C MET A 81 -2.69 -0.04 20.01
N GLN A 82 -1.68 0.15 20.84
CA GLN A 82 -1.32 1.47 21.34
C GLN A 82 0.16 1.72 21.13
N LEU A 83 0.44 2.89 20.59
CA LEU A 83 1.79 3.29 20.29
C LEU A 83 2.04 4.57 21.05
N SER A 84 3.14 4.62 21.78
CA SER A 84 3.40 5.74 22.67
C SER A 84 4.78 6.33 22.39
N SER A 85 4.96 7.61 22.75
CA SER A 85 6.20 8.34 22.49
C SER A 85 6.52 8.38 20.99
N LEU A 86 5.53 8.76 20.19
CA LEU A 86 5.65 8.72 18.72
C LEU A 86 6.75 9.61 18.17
N THR A 87 7.47 9.11 17.16
CA THR A 87 8.63 9.82 16.65
C THR A 87 8.87 9.68 15.15
N SER A 88 7.93 10.10 14.31
CA SER A 88 8.21 10.20 12.88
C SER A 88 8.47 8.84 12.23
N GLU A 89 9.42 8.11 12.78
CA GLU A 89 9.73 6.75 12.33
C GLU A 89 8.48 5.92 12.51
N ASP A 90 7.77 6.18 13.60
CA ASP A 90 6.52 5.51 13.88
C ASP A 90 5.47 5.84 12.80
N SER A 91 5.58 7.02 12.20
CA SER A 91 4.64 7.45 11.14
C SER A 91 4.75 6.51 9.96
N ALA A 92 3.60 5.91 9.63
CA ALA A 92 3.49 4.76 8.74
C ALA A 92 2.07 4.20 8.75
N LEU A 93 1.94 3.02 8.17
CA LEU A 93 0.64 2.43 7.95
C LEU A 93 0.62 1.10 8.63
N TYR A 94 -0.40 0.89 9.46
CA TYR A 94 -0.44 -0.27 10.34
C TYR A 94 -1.62 -1.20 10.06
N TYR A 95 -1.33 -2.46 9.70
CA TYR A 95 -2.35 -3.50 9.50
C TYR A 95 -2.52 -4.41 10.69
N CYS A 96 -3.77 -4.73 11.03
CA CYS A 96 -4.08 -5.87 11.88
C CYS A 96 -4.45 -7.02 10.96
N ALA A 97 -3.91 -8.22 11.19
CA ALA A 97 -4.20 -9.39 10.35
C ALA A 97 -4.35 -10.70 11.11
N ARG A 98 -5.40 -11.42 10.78
CA ARG A 98 -5.73 -12.67 11.44
C ARG A 98 -4.77 -13.78 11.03
N TYR A 99 -4.49 -14.70 11.94
CA TYR A 99 -3.49 -15.77 11.73
C TYR A 99 -4.04 -17.15 12.09
N GLY A 100 -4.01 -18.05 11.10
CA GLY A 100 -4.38 -19.47 11.24
C GLY A 100 -3.34 -20.31 10.51
N GLY A 101 -2.09 -20.16 10.94
CA GLY A 101 -0.93 -20.78 10.28
C GLY A 101 -0.28 -19.82 9.29
N TYR A 102 -1.06 -18.85 8.84
CA TYR A 102 -0.62 -17.81 7.91
C TYR A 102 -1.58 -16.63 8.03
N PHE A 103 -1.20 -15.50 7.46
CA PHE A 103 -2.02 -14.31 7.55
C PHE A 103 -3.05 -14.27 6.45
N ASP A 104 -4.12 -15.03 6.63
CA ASP A 104 -5.13 -15.19 5.60
C ASP A 104 -6.00 -13.95 5.44
N TYR A 105 -6.45 -13.33 6.53
CA TYR A 105 -7.35 -12.17 6.43
C TYR A 105 -6.80 -10.92 7.07
N TRP A 106 -6.79 -9.83 6.32
CA TRP A 106 -6.26 -8.57 6.82
C TRP A 106 -7.32 -7.51 6.88
N GLY A 107 -7.06 -6.53 7.72
CA GLY A 107 -7.81 -5.31 7.72
C GLY A 107 -7.22 -4.46 6.62
N GLN A 108 -7.75 -3.24 6.54
CA GLN A 108 -7.42 -2.30 5.47
C GLN A 108 -6.25 -1.45 5.86
N GLY A 109 -6.00 -1.39 7.16
CA GLY A 109 -4.90 -0.61 7.71
C GLY A 109 -5.29 0.78 8.17
N THR A 110 -4.95 1.11 9.42
CA THR A 110 -4.98 2.50 9.89
C THR A 110 -3.69 3.16 9.46
N THR A 111 -3.74 4.46 9.20
CA THR A 111 -2.56 5.17 8.73
C THR A 111 -2.14 6.23 9.70
N LEU A 112 -0.91 6.12 10.16
CA LEU A 112 -0.37 7.08 11.10
C LEU A 112 0.64 8.02 10.47
N THR A 113 0.47 9.30 10.78
CA THR A 113 1.42 10.33 10.43
C THR A 113 1.80 11.14 11.67
N VAL A 114 3.11 11.20 11.92
CA VAL A 114 3.66 11.85 13.10
C VAL A 114 4.52 13.03 12.67
N SER A 115 4.10 14.23 13.08
CA SER A 115 4.85 15.44 12.79
C SER A 115 4.42 16.67 13.61
N SER A 116 5.34 17.61 13.73
CA SER A 116 5.07 18.92 14.31
C SER A 116 4.16 19.68 13.36
N ALA A 117 4.41 19.52 12.06
CA ALA A 117 3.71 20.23 10.99
C ALA A 117 2.21 20.21 11.19
N LYS A 118 1.59 21.38 11.17
CA LYS A 118 0.15 21.50 11.48
C LYS A 118 -0.69 21.40 10.21
N THR A 119 -1.97 21.09 10.41
CA THR A 119 -2.92 20.93 9.32
C THR A 119 -3.14 22.17 8.48
N THR A 120 -2.96 22.00 7.19
CA THR A 120 -3.00 23.08 6.24
C THR A 120 -3.85 22.70 5.04
N PRO A 121 -4.85 23.53 4.71
CA PRO A 121 -5.61 23.38 3.47
C PRO A 121 -4.79 23.73 2.24
N PRO A 122 -5.08 23.10 1.10
CA PRO A 122 -4.22 23.26 -0.06
C PRO A 122 -4.55 24.44 -0.97
N SER A 123 -3.54 25.19 -1.35
CA SER A 123 -3.67 26.10 -2.50
C SER A 123 -3.77 25.27 -3.83
N VAL A 124 -4.80 25.60 -4.62
CA VAL A 124 -5.03 24.93 -5.89
C VAL A 124 -4.85 25.92 -6.99
N TYR A 125 -4.06 25.53 -7.98
CA TYR A 125 -3.64 26.45 -9.02
C TYR A 125 -3.91 25.82 -10.38
N PRO A 126 -4.71 26.49 -11.23
CA PRO A 126 -5.07 25.88 -12.50
C PRO A 126 -3.92 25.85 -13.47
N LEU A 127 -3.94 24.91 -14.40
CA LEU A 127 -2.88 24.79 -15.40
C LEU A 127 -3.46 24.84 -16.80
N ALA A 128 -3.80 26.04 -17.22
CA ALA A 128 -4.28 26.29 -18.57
C ALA A 128 -3.11 26.30 -19.53
N PRO A 129 -3.30 25.81 -20.77
CA PRO A 129 -2.14 25.62 -21.64
C PRO A 129 -1.48 26.95 -21.94
N GLY A 130 -0.26 26.90 -22.47
CA GLY A 130 0.55 28.07 -22.73
C GLY A 130 -0.14 29.21 -23.47
N CYS A 131 0.07 30.43 -22.97
CA CYS A 131 -0.37 31.67 -23.65
C CYS A 131 -0.03 31.59 -25.15
N GLY A 132 1.20 31.19 -25.44
CA GLY A 132 1.65 30.98 -26.81
C GLY A 132 1.75 29.49 -27.11
N ASP A 133 0.74 28.95 -27.78
CA ASP A 133 0.70 27.51 -28.02
C ASP A 133 -0.10 27.04 -29.24
N THR A 134 0.29 25.85 -29.72
CA THR A 134 -0.34 25.21 -30.88
C THR A 134 -1.33 24.08 -30.49
N THR A 135 -2.60 24.28 -30.85
CA THR A 135 -3.66 23.33 -30.56
C THR A 135 -3.50 22.03 -31.35
N GLY A 136 -3.93 20.91 -30.79
CA GLY A 136 -4.01 19.65 -31.54
C GLY A 136 -5.38 19.00 -31.43
N SER A 137 -5.53 17.81 -32.02
CA SER A 137 -6.75 17.01 -31.84
C SER A 137 -7.06 16.80 -30.35
N SER A 138 -6.02 16.57 -29.56
CA SER A 138 -6.14 16.44 -28.11
C SER A 138 -5.57 17.64 -27.40
N VAL A 139 -6.30 18.17 -26.43
CA VAL A 139 -5.75 19.15 -25.50
C VAL A 139 -5.58 18.58 -24.08
N THR A 140 -4.39 18.75 -23.50
CA THR A 140 -4.18 18.38 -22.11
C THR A 140 -4.20 19.57 -21.15
N LEU A 141 -5.10 19.45 -20.20
CA LEU A 141 -5.17 20.34 -19.06
C LEU A 141 -4.75 19.62 -17.78
N GLY A 142 -4.59 20.43 -16.73
CA GLY A 142 -4.32 19.93 -15.41
C GLY A 142 -4.54 20.99 -14.37
N CYS A 143 -4.51 20.60 -13.11
CA CYS A 143 -4.40 21.57 -12.03
C CYS A 143 -3.61 21.02 -10.83
N LEU A 144 -3.01 21.95 -10.08
CA LEU A 144 -1.89 21.69 -9.20
C LEU A 144 -2.21 21.98 -7.73
N VAL A 145 -2.24 20.93 -6.92
CA VAL A 145 -2.54 21.06 -5.48
C VAL A 145 -1.26 21.19 -4.63
N LYS A 146 -1.15 22.30 -3.91
CA LYS A 146 0.10 22.65 -3.28
C LYS A 146 -0.05 23.15 -1.85
N GLY A 147 0.85 22.73 -0.97
CA GLY A 147 0.98 23.34 0.35
C GLY A 147 -0.07 22.89 1.34
N TYR A 148 -0.37 21.60 1.27
CA TYR A 148 -1.40 21.01 2.12
C TYR A 148 -0.79 19.96 2.98
N PHE A 149 -1.41 19.77 4.14
CA PHE A 149 -0.99 18.73 5.04
C PHE A 149 -2.12 18.53 6.00
N PRO A 150 -2.39 17.28 6.42
CA PRO A 150 -1.72 16.01 6.10
C PRO A 150 -2.22 15.38 4.80
N GLU A 151 -1.75 14.18 4.47
CA GLU A 151 -1.61 13.77 3.07
C GLU A 151 -2.87 13.42 2.27
N SER A 152 -3.87 12.73 2.82
CA SER A 152 -5.01 12.25 1.96
C SER A 152 -5.72 13.39 1.20
N VAL A 153 -5.59 13.40 -0.14
CA VAL A 153 -6.27 14.39 -1.02
C VAL A 153 -6.70 13.79 -2.33
N THR A 154 -7.90 14.18 -2.79
CA THR A 154 -8.49 13.59 -3.99
C THR A 154 -9.11 14.62 -4.92
N VAL A 155 -8.95 14.36 -6.21
CA VAL A 155 -9.34 15.29 -7.26
C VAL A 155 -10.31 14.66 -8.24
N THR A 156 -11.43 15.32 -8.48
CA THR A 156 -12.37 14.86 -9.48
C THR A 156 -12.67 15.95 -10.53
N TRP A 157 -12.63 15.54 -11.79
CA TRP A 157 -12.73 16.47 -12.91
C TRP A 157 -14.09 16.49 -13.62
N SER A 158 -14.57 17.69 -13.95
CA SER A 158 -15.90 17.94 -14.54
C SER A 158 -16.95 17.24 -13.70
N SER A 159 -16.82 17.33 -12.38
CA SER A 159 -17.72 16.66 -11.41
C SER A 159 -17.79 15.14 -11.62
N GLY A 160 -16.63 14.52 -11.82
CA GLY A 160 -16.53 13.07 -12.03
C GLY A 160 -16.87 12.61 -13.44
N SER A 161 -17.09 13.56 -14.34
CA SER A 161 -17.40 13.27 -15.76
C SER A 161 -16.31 12.43 -16.43
N LEU A 162 -15.04 12.73 -16.16
CA LEU A 162 -13.91 12.00 -16.74
C LEU A 162 -13.19 11.18 -15.69
N SER A 163 -13.16 9.86 -15.90
CA SER A 163 -12.31 8.94 -15.14
C SER A 163 -11.09 8.59 -16.02
N SER A 164 -11.35 8.24 -17.27
CA SER A 164 -10.28 7.96 -18.21
C SER A 164 -9.70 9.26 -18.75
N SER A 165 -8.49 9.16 -19.28
CA SER A 165 -7.82 10.34 -19.75
C SER A 165 -7.41 11.22 -18.59
N VAL A 166 -7.35 10.68 -17.36
CA VAL A 166 -7.01 11.46 -16.15
C VAL A 166 -5.79 10.86 -15.52
N HIS A 167 -4.82 11.71 -15.19
CA HIS A 167 -3.60 11.26 -14.57
C HIS A 167 -3.39 11.94 -13.25
N THR A 168 -3.24 11.13 -12.20
CA THR A 168 -3.06 11.64 -10.85
C THR A 168 -1.68 11.21 -10.40
N PHE A 169 -0.86 12.19 -10.04
CA PHE A 169 0.53 11.93 -9.68
C PHE A 169 0.68 12.00 -8.17
N PRO A 170 1.42 11.04 -7.60
CA PRO A 170 1.39 10.97 -6.17
C PRO A 170 2.10 12.14 -5.54
N ALA A 171 1.73 12.43 -4.30
CA ALA A 171 2.22 13.64 -3.62
C ALA A 171 3.71 13.56 -3.30
N LEU A 172 4.31 14.72 -3.13
CA LEU A 172 5.66 14.79 -2.61
C LEU A 172 5.69 15.76 -1.48
N LEU A 173 6.80 15.76 -0.76
CA LEU A 173 6.98 16.60 0.40
C LEU A 173 7.94 17.72 0.07
N GLN A 174 7.41 18.94 0.03
CA GLN A 174 8.16 20.11 -0.40
C GLN A 174 8.16 21.05 0.78
N SER A 175 9.36 21.28 1.31
CA SER A 175 9.58 22.17 2.44
C SER A 175 8.52 21.94 3.53
N GLY A 176 8.44 20.68 3.96
CA GLY A 176 7.56 20.30 5.07
C GLY A 176 6.07 20.45 4.81
N LEU A 177 5.72 20.73 3.56
CA LEU A 177 4.33 20.68 3.12
C LEU A 177 4.18 19.86 1.84
N TYR A 178 3.03 19.22 1.71
CA TYR A 178 2.73 18.34 0.59
C TYR A 178 2.30 19.08 -0.67
N THR A 179 2.54 18.41 -1.78
CA THR A 179 2.25 18.93 -3.12
C THR A 179 1.91 17.81 -4.09
N MET A 180 0.78 17.96 -4.78
CA MET A 180 0.35 16.97 -5.77
C MET A 180 -0.16 17.64 -7.05
N SER A 181 -0.44 16.85 -8.08
CA SER A 181 -0.95 17.42 -9.30
C SER A 181 -1.78 16.41 -10.09
N SER A 182 -2.62 16.92 -10.97
CA SER A 182 -3.49 16.07 -11.79
C SER A 182 -3.56 16.56 -13.24
N SER A 183 -3.57 15.59 -14.15
CA SER A 183 -3.63 15.84 -15.58
C SER A 183 -4.93 15.26 -16.12
N VAL A 184 -5.48 15.94 -17.13
CA VAL A 184 -6.68 15.48 -17.81
C VAL A 184 -6.58 15.85 -19.28
N THR A 185 -7.02 14.92 -20.12
CA THR A 185 -6.98 15.15 -21.54
C THR A 185 -8.34 14.96 -22.21
N VAL A 186 -8.88 16.07 -22.68
CA VAL A 186 -10.02 16.04 -23.55
C VAL A 186 -9.62 16.34 -24.98
N PRO A 187 -10.58 16.25 -25.91
CA PRO A 187 -10.35 16.69 -27.27
C PRO A 187 -10.34 18.22 -27.42
N SER A 188 -9.65 18.69 -28.46
CA SER A 188 -9.49 20.12 -28.75
C SER A 188 -10.83 20.80 -28.98
N SER A 189 -11.73 20.09 -29.64
CA SER A 189 -13.08 20.58 -29.84
C SER A 189 -13.76 20.86 -28.51
N THR A 190 -13.66 19.91 -27.58
CA THR A 190 -14.35 20.01 -26.28
C THR A 190 -14.02 21.25 -25.46
N TRP A 191 -12.76 21.55 -25.21
CA TRP A 191 -12.44 22.72 -24.39
C TRP A 191 -11.87 23.76 -25.36
N PRO A 192 -12.11 25.05 -25.13
CA PRO A 192 -12.78 25.60 -23.96
C PRO A 192 -14.25 25.88 -24.16
N SER A 193 -14.85 25.40 -25.24
CA SER A 193 -16.29 25.63 -25.47
C SER A 193 -17.13 25.07 -24.32
N GLN A 194 -16.80 23.85 -23.91
CA GLN A 194 -17.39 23.22 -22.72
C GLN A 194 -16.67 23.70 -21.48
N THR A 195 -17.22 23.38 -20.33
CA THR A 195 -16.56 23.68 -19.08
C THR A 195 -15.76 22.50 -18.58
N VAL A 196 -14.49 22.71 -18.26
CA VAL A 196 -13.69 21.70 -17.54
C VAL A 196 -13.27 22.29 -16.19
N THR A 197 -13.62 21.61 -15.10
CA THR A 197 -13.24 22.08 -13.76
C THR A 197 -12.67 20.95 -12.93
N CYS A 198 -11.65 21.27 -12.13
CA CYS A 198 -11.11 20.30 -11.18
C CYS A 198 -11.60 20.69 -9.82
N SER A 199 -12.20 19.71 -9.13
CA SER A 199 -12.60 19.86 -7.75
C SER A 199 -11.65 19.10 -6.83
N VAL A 200 -11.13 19.80 -5.81
CA VAL A 200 -10.09 19.26 -4.92
C VAL A 200 -10.55 19.19 -3.47
N ALA A 201 -10.57 17.97 -2.96
CA ALA A 201 -11.11 17.70 -1.63
C ALA A 201 -9.98 17.30 -0.69
N HIS A 202 -9.89 18.03 0.41
CA HIS A 202 -8.91 17.76 1.43
C HIS A 202 -9.68 17.68 2.72
N PRO A 203 -10.25 16.50 2.99
CA PRO A 203 -11.26 16.28 4.02
C PRO A 203 -10.69 16.49 5.42
N ALA A 204 -9.38 16.23 5.58
CA ALA A 204 -8.62 16.61 6.76
C ALA A 204 -8.87 18.03 7.23
N SER A 205 -8.62 19.00 6.36
CA SER A 205 -8.85 20.41 6.70
C SER A 205 -10.30 20.89 6.49
N SER A 206 -11.23 19.95 6.26
CA SER A 206 -12.66 20.25 6.13
C SER A 206 -12.94 21.21 4.98
N THR A 207 -12.15 21.06 3.93
CA THR A 207 -12.10 22.04 2.86
C THR A 207 -12.10 21.40 1.50
N THR A 208 -12.99 21.88 0.64
CA THR A 208 -12.92 21.57 -0.77
C THR A 208 -12.82 22.85 -1.57
N VAL A 209 -12.03 22.76 -2.63
CA VAL A 209 -11.80 23.88 -3.50
C VAL A 209 -12.04 23.48 -4.93
N ASP A 210 -12.83 24.31 -5.62
CA ASP A 210 -13.25 24.07 -7.00
C ASP A 210 -12.73 25.13 -7.94
N LYS A 211 -12.08 24.70 -9.02
CA LYS A 211 -11.41 25.63 -9.91
C LYS A 211 -11.83 25.41 -11.36
N LYS A 212 -12.47 26.41 -11.96
CA LYS A 212 -12.82 26.36 -13.38
C LYS A 212 -11.62 26.71 -14.21
N LEU A 213 -11.26 25.82 -15.13
CA LEU A 213 -10.11 26.05 -16.00
C LEU A 213 -10.43 27.00 -17.16
N GLU A 214 -9.70 28.10 -17.24
CA GLU A 214 -9.89 29.11 -18.27
C GLU A 214 -8.66 29.26 -19.18
N PRO A 215 -8.88 29.50 -20.48
CA PRO A 215 -7.77 29.80 -21.37
C PRO A 215 -7.40 31.28 -21.26
N SER A 216 -6.46 31.75 -22.08
CA SER A 216 -6.07 33.18 -22.04
C SER A 216 -6.47 33.94 -23.31
N ASP B 1 16.59 -12.31 13.83
CA ASP B 1 15.38 -12.86 13.18
C ASP B 1 15.82 -13.79 12.06
N ILE B 2 14.89 -14.18 11.19
CA ILE B 2 15.23 -14.84 9.94
C ILE B 2 15.15 -13.87 8.78
N VAL B 3 16.18 -13.86 7.94
CA VAL B 3 16.25 -12.89 6.86
C VAL B 3 15.92 -13.53 5.51
N LEU B 4 14.80 -13.07 4.94
CA LEU B 4 14.35 -13.53 3.63
C LEU B 4 14.76 -12.51 2.58
N THR B 5 15.17 -13.00 1.42
CA THR B 5 15.72 -12.15 0.37
C THR B 5 15.18 -12.51 -1.00
N GLN B 6 14.51 -11.54 -1.62
CA GLN B 6 13.75 -11.76 -2.85
C GLN B 6 14.50 -11.32 -4.10
N SER B 7 14.33 -12.07 -5.18
CA SER B 7 14.95 -11.72 -6.47
C SER B 7 14.09 -12.07 -7.68
N PRO B 8 14.01 -11.16 -8.65
CA PRO B 8 14.72 -9.87 -8.70
C PRO B 8 13.92 -8.73 -8.09
N ALA B 9 14.54 -7.56 -8.02
CA ALA B 9 13.92 -6.37 -7.45
C ALA B 9 12.59 -6.11 -8.13
N SER B 10 12.67 -5.70 -9.39
CA SER B 10 11.50 -5.51 -10.22
C SER B 10 11.73 -6.27 -11.51
N LEU B 11 10.65 -6.73 -12.12
CA LEU B 11 10.73 -7.47 -13.38
C LEU B 11 9.59 -7.12 -14.32
N ALA B 12 9.89 -7.10 -15.62
CA ALA B 12 8.90 -6.78 -16.64
C ALA B 12 8.65 -8.00 -17.54
N VAL B 13 7.40 -8.39 -17.70
CA VAL B 13 7.07 -9.44 -18.67
C VAL B 13 5.82 -9.12 -19.46
N SER B 14 5.73 -9.73 -20.64
CA SER B 14 4.60 -9.49 -21.52
C SER B 14 3.46 -10.45 -21.17
N LEU B 15 2.23 -9.95 -21.27
CA LEU B 15 1.05 -10.74 -20.95
C LEU B 15 1.10 -12.04 -21.71
N GLY B 16 0.73 -13.14 -21.06
CA GLY B 16 0.88 -14.46 -21.65
C GLY B 16 2.24 -15.13 -21.45
N GLN B 17 3.31 -14.34 -21.26
CA GLN B 17 4.62 -14.91 -20.92
C GLN B 17 4.60 -15.46 -19.47
N ARG B 18 5.71 -16.07 -19.05
CA ARG B 18 5.88 -16.62 -17.70
C ARG B 18 6.74 -15.70 -16.82
N ALA B 19 6.31 -15.50 -15.56
CA ALA B 19 7.08 -14.72 -14.59
C ALA B 19 7.45 -15.54 -13.35
N THR B 20 8.74 -15.56 -13.01
CA THR B 20 9.27 -16.33 -11.89
C THR B 20 9.98 -15.44 -10.89
N ILE B 21 9.63 -15.58 -9.61
CA ILE B 21 10.30 -14.87 -8.53
C ILE B 21 10.83 -15.82 -7.47
N SER B 22 12.03 -15.51 -6.98
CA SER B 22 12.73 -16.38 -6.05
C SER B 22 12.95 -15.75 -4.68
N CYS B 23 12.55 -16.50 -3.65
CA CYS B 23 12.79 -16.12 -2.26
C CYS B 23 13.85 -17.03 -1.66
N ARG B 24 14.85 -16.40 -1.05
CA ARG B 24 15.98 -17.10 -0.45
C ARG B 24 16.14 -16.75 1.03
N ALA B 25 16.27 -17.79 1.85
CA ALA B 25 16.20 -17.66 3.31
C ALA B 25 17.56 -17.89 4.01
N SER B 26 17.83 -17.03 5.01
CA SER B 26 19.11 -17.04 5.74
C SER B 26 19.36 -18.39 6.38
N GLU B 27 18.33 -18.94 7.00
CA GLU B 27 18.34 -20.31 7.47
C GLU B 27 17.08 -21.03 6.97
N SER B 28 17.21 -22.30 6.62
CA SER B 28 16.09 -23.04 6.05
C SER B 28 14.96 -23.05 7.06
N VAL B 29 13.71 -23.13 6.59
CA VAL B 29 12.53 -23.01 7.46
C VAL B 29 11.58 -24.17 7.31
N GLU B 30 12.02 -25.35 7.75
CA GLU B 30 11.25 -26.54 7.61
C GLU B 30 10.98 -27.11 9.00
N TYR B 31 9.71 -27.34 9.33
CA TYR B 31 9.34 -28.01 10.58
C TYR B 31 8.90 -29.45 10.29
N PHE B 32 9.71 -30.40 10.77
CA PHE B 32 9.47 -31.81 10.58
C PHE B 32 9.22 -32.04 9.07
N GLY B 33 8.03 -32.47 8.69
CA GLY B 33 7.79 -32.89 7.31
C GLY B 33 7.91 -31.80 6.25
N THR B 34 7.38 -30.61 6.54
CA THR B 34 7.09 -29.64 5.48
C THR B 34 7.54 -28.19 5.77
N SER B 35 7.91 -27.48 4.70
CA SER B 35 8.40 -26.10 4.78
C SER B 35 7.28 -25.09 5.02
N LEU B 36 7.61 -23.96 5.63
CA LEU B 36 6.62 -22.99 6.10
C LEU B 36 6.85 -21.61 5.53
N MET B 37 6.78 -21.55 4.20
CA MET B 37 6.86 -20.29 3.46
C MET B 37 5.49 -20.00 2.83
N GLN B 38 5.05 -18.75 2.93
CA GLN B 38 3.86 -18.30 2.22
C GLN B 38 4.20 -17.13 1.27
N TRP B 39 3.49 -17.05 0.15
CA TRP B 39 3.62 -15.96 -0.82
C TRP B 39 2.40 -15.06 -0.78
N TYR B 40 2.63 -13.74 -0.69
CA TYR B 40 1.56 -12.75 -0.65
C TYR B 40 1.60 -11.80 -1.84
N GLN B 41 0.42 -11.36 -2.27
CA GLN B 41 0.29 -10.31 -3.29
C GLN B 41 -0.24 -9.05 -2.67
N GLN B 42 0.31 -7.92 -3.09
CA GLN B 42 -0.18 -6.63 -2.60
C GLN B 42 -0.25 -5.59 -3.72
N LYS B 43 -1.39 -4.91 -3.79
CA LYS B 43 -1.61 -3.89 -4.79
C LYS B 43 -1.77 -2.56 -4.10
N PRO B 44 -1.30 -1.48 -4.75
CA PRO B 44 -1.43 -0.12 -4.27
C PRO B 44 -2.73 0.16 -3.56
N GLY B 45 -2.62 0.84 -2.41
CA GLY B 45 -3.76 1.22 -1.60
C GLY B 45 -4.50 0.06 -0.97
N GLN B 46 -3.93 -1.15 -1.03
CA GLN B 46 -4.61 -2.33 -0.53
C GLN B 46 -3.76 -3.17 0.41
N PRO B 47 -4.41 -3.89 1.34
CA PRO B 47 -3.70 -4.84 2.17
C PRO B 47 -3.21 -6.00 1.34
N PRO B 48 -2.24 -6.75 1.86
CA PRO B 48 -1.81 -7.95 1.18
C PRO B 48 -2.87 -9.03 1.06
N LYS B 49 -2.74 -9.81 -0.01
CA LYS B 49 -3.64 -10.90 -0.35
C LYS B 49 -2.81 -12.17 -0.36
N LEU B 50 -3.26 -13.19 0.36
CA LEU B 50 -2.55 -14.46 0.40
C LEU B 50 -2.75 -15.22 -0.90
N LEU B 51 -1.65 -15.75 -1.42
CA LEU B 51 -1.69 -16.59 -2.61
C LEU B 51 -1.32 -18.00 -2.25
N ILE B 52 -0.10 -18.16 -1.79
CA ILE B 52 0.42 -19.46 -1.52
C ILE B 52 0.86 -19.59 -0.08
N TYR B 53 0.53 -20.75 0.51
CA TYR B 53 1.01 -21.13 1.82
C TYR B 53 1.68 -22.49 1.80
N ALA B 54 2.82 -22.60 2.50
CA ALA B 54 3.61 -23.83 2.49
C ALA B 54 4.24 -24.10 1.13
N ALA B 55 4.36 -23.05 0.32
CA ALA B 55 5.01 -23.11 -0.98
C ALA B 55 4.20 -23.86 -2.05
N SER B 56 3.88 -25.14 -1.85
CA SER B 56 3.17 -25.90 -2.88
C SER B 56 1.67 -25.57 -2.92
N ASN B 57 1.06 -25.40 -1.75
CA ASN B 57 -0.41 -25.33 -1.67
C ASN B 57 -0.90 -23.97 -2.10
N VAL B 58 -2.12 -23.91 -2.62
CA VAL B 58 -2.67 -22.65 -3.08
C VAL B 58 -3.95 -22.28 -2.35
N GLU B 59 -4.01 -21.06 -1.87
CA GLU B 59 -5.17 -20.57 -1.14
C GLU B 59 -6.43 -20.70 -1.99
N SER B 60 -7.52 -21.13 -1.37
CA SER B 60 -8.76 -21.31 -2.12
C SER B 60 -9.17 -19.96 -2.69
N GLY B 61 -9.51 -19.95 -3.97
CA GLY B 61 -9.93 -18.71 -4.64
C GLY B 61 -8.80 -18.00 -5.34
N VAL B 62 -7.65 -18.64 -5.46
CA VAL B 62 -6.57 -18.06 -6.21
C VAL B 62 -6.40 -18.88 -7.50
N PRO B 63 -6.46 -18.22 -8.66
CA PRO B 63 -6.35 -18.90 -9.95
C PRO B 63 -5.13 -19.79 -10.10
N ALA B 64 -5.27 -20.84 -10.91
CA ALA B 64 -4.22 -21.85 -11.10
C ALA B 64 -2.96 -21.26 -11.71
N ARG B 65 -3.14 -20.13 -12.41
CA ARG B 65 -2.07 -19.39 -13.04
C ARG B 65 -0.92 -19.13 -12.06
N PHE B 66 -1.23 -19.18 -10.76
CA PHE B 66 -0.25 -19.03 -9.69
C PHE B 66 0.29 -20.36 -9.14
N SER B 67 1.42 -20.82 -9.68
CA SER B 67 2.05 -22.01 -9.13
C SER B 67 3.29 -21.60 -8.37
N GLY B 68 3.43 -22.11 -7.15
CA GLY B 68 4.60 -21.83 -6.33
C GLY B 68 5.31 -23.09 -5.88
N SER B 69 6.61 -23.14 -6.08
CA SER B 69 7.38 -24.28 -5.64
C SER B 69 8.56 -23.79 -4.86
N GLY B 70 8.94 -24.57 -3.86
CA GLY B 70 10.23 -24.47 -3.22
C GLY B 70 10.41 -25.70 -2.36
N SER B 71 11.53 -25.74 -1.67
CA SER B 71 11.76 -26.68 -0.59
C SER B 71 13.04 -26.22 0.09
N GLY B 72 13.24 -26.58 1.35
CA GLY B 72 14.46 -26.23 2.06
C GLY B 72 14.55 -24.75 2.34
N THR B 73 15.70 -24.16 2.03
CA THR B 73 15.94 -22.74 2.28
C THR B 73 15.58 -21.87 1.07
N ASP B 74 15.36 -22.49 -0.08
CA ASP B 74 15.16 -21.74 -1.31
C ASP B 74 13.82 -22.04 -1.98
N PHE B 75 13.04 -20.97 -2.14
CA PHE B 75 11.72 -21.05 -2.71
C PHE B 75 11.57 -20.13 -3.89
N SER B 76 10.62 -20.48 -4.76
CA SER B 76 10.20 -19.59 -5.82
C SER B 76 8.68 -19.59 -6.13
N LEU B 77 8.22 -18.42 -6.59
CA LEU B 77 6.85 -18.19 -7.02
C LEU B 77 6.80 -18.04 -8.53
N ASN B 78 5.88 -18.77 -9.16
CA ASN B 78 5.66 -18.66 -10.60
C ASN B 78 4.22 -18.42 -11.04
N ILE B 79 4.08 -17.54 -12.03
CA ILE B 79 2.79 -17.25 -12.63
C ILE B 79 2.75 -17.55 -14.13
N HIS B 80 1.79 -18.37 -14.53
CA HIS B 80 1.54 -18.66 -15.92
C HIS B 80 0.05 -18.82 -16.19
N PRO B 81 -0.50 -17.93 -17.02
CA PRO B 81 0.22 -16.88 -17.68
C PRO B 81 -0.18 -15.51 -17.14
N VAL B 82 0.78 -14.58 -17.19
CA VAL B 82 0.61 -13.25 -16.61
C VAL B 82 -0.62 -12.55 -17.17
N GLU B 83 -1.29 -11.77 -16.33
CA GLU B 83 -2.48 -11.02 -16.75
C GLU B 83 -2.55 -9.59 -16.20
N GLU B 84 -3.40 -8.77 -16.82
CA GLU B 84 -3.49 -7.34 -16.46
C GLU B 84 -3.83 -7.16 -14.98
N ASP B 85 -4.58 -8.10 -14.43
CA ASP B 85 -4.89 -8.11 -12.99
C ASP B 85 -3.67 -8.25 -12.08
N ASP B 86 -2.64 -8.87 -12.61
CA ASP B 86 -1.53 -9.33 -11.80
C ASP B 86 -0.46 -8.29 -11.62
N ILE B 87 -0.73 -7.00 -11.83
CA ILE B 87 0.29 -5.99 -11.52
C ILE B 87 0.28 -5.72 -10.04
N ALA B 88 1.43 -5.92 -9.42
CA ALA B 88 1.48 -5.96 -7.97
C ALA B 88 2.88 -5.96 -7.41
N MET B 89 2.95 -5.80 -6.10
CA MET B 89 4.08 -6.23 -5.32
C MET B 89 3.84 -7.64 -4.79
N TYR B 90 4.89 -8.45 -4.84
CA TYR B 90 4.81 -9.80 -4.32
C TYR B 90 5.81 -10.01 -3.20
N PHE B 91 5.30 -10.56 -2.11
CA PHE B 91 6.09 -10.80 -0.91
C PHE B 91 6.13 -12.27 -0.52
N CYS B 92 7.28 -12.71 -0.01
CA CYS B 92 7.46 -14.01 0.64
C CYS B 92 7.64 -13.78 2.14
N GLN B 93 6.99 -14.61 2.96
CA GLN B 93 7.23 -14.60 4.40
C GLN B 93 7.15 -15.99 5.00
N GLN B 94 7.72 -16.14 6.19
CA GLN B 94 7.79 -17.45 6.87
C GLN B 94 7.10 -17.44 8.21
N SER B 95 6.43 -18.55 8.52
CA SER B 95 5.80 -18.70 9.80
C SER B 95 6.56 -19.73 10.65
N ARG B 96 7.89 -19.77 10.53
CA ARG B 96 8.71 -20.77 11.24
C ARG B 96 9.35 -20.23 12.52
N GLU B 97 9.94 -19.06 12.46
CA GLU B 97 10.53 -18.47 13.66
C GLU B 97 9.96 -17.08 13.90
N VAL B 98 9.47 -16.87 15.11
CA VAL B 98 9.17 -15.52 15.56
C VAL B 98 10.49 -14.79 15.84
N PRO B 99 10.57 -13.48 15.52
CA PRO B 99 9.50 -12.73 14.92
C PRO B 99 9.38 -13.05 13.44
N TYR B 100 8.12 -13.19 13.00
CA TYR B 100 7.78 -13.50 11.63
C TYR B 100 8.29 -12.39 10.74
N THR B 101 8.84 -12.77 9.61
CA THR B 101 9.48 -11.82 8.76
C THR B 101 9.11 -12.00 7.31
N PHE B 102 9.10 -10.86 6.62
CA PHE B 102 8.61 -10.78 5.25
C PHE B 102 9.75 -10.54 4.29
N GLY B 103 9.52 -10.79 3.02
CA GLY B 103 10.49 -10.44 2.00
C GLY B 103 10.65 -8.94 1.85
N GLY B 104 11.43 -8.54 0.85
CA GLY B 104 11.73 -7.13 0.59
C GLY B 104 10.81 -6.57 -0.47
N GLY B 105 10.33 -7.44 -1.34
CA GLY B 105 9.36 -7.10 -2.35
C GLY B 105 9.90 -7.39 -3.72
N SER B 106 8.99 -7.63 -4.67
CA SER B 106 9.35 -7.69 -6.09
C SER B 106 8.23 -7.11 -6.95
N LYS B 107 8.49 -5.96 -7.58
CA LYS B 107 7.49 -5.31 -8.44
C LYS B 107 7.37 -6.10 -9.73
N LEU B 108 6.12 -6.23 -10.18
CA LEU B 108 5.80 -6.91 -11.44
C LEU B 108 5.16 -5.94 -12.42
N GLU B 109 5.91 -5.63 -13.48
CA GLU B 109 5.45 -4.72 -14.53
C GLU B 109 5.25 -5.47 -15.85
N ILE B 110 4.28 -5.03 -16.63
CA ILE B 110 4.05 -5.60 -17.93
C ILE B 110 5.02 -5.05 -19.00
N LYS B 111 5.49 -5.95 -19.85
CA LYS B 111 6.21 -5.57 -21.06
C LYS B 111 5.18 -5.21 -22.12
N ARG B 112 5.41 -4.10 -22.81
CA ARG B 112 4.56 -3.67 -23.91
C ARG B 112 5.39 -2.90 -24.93
N ALA B 113 4.78 -2.58 -26.06
CA ALA B 113 5.49 -1.90 -27.14
C ALA B 113 5.86 -0.47 -26.75
N ASP B 114 7.08 -0.06 -27.11
CA ASP B 114 7.58 1.26 -26.76
C ASP B 114 6.62 2.34 -27.25
N ALA B 115 6.27 3.28 -26.38
CA ALA B 115 5.36 4.37 -26.75
C ALA B 115 5.93 5.74 -26.41
N ALA B 116 5.89 6.67 -27.37
CA ALA B 116 6.40 8.03 -27.16
C ALA B 116 5.50 8.75 -26.18
N PRO B 117 6.05 9.69 -25.39
CA PRO B 117 5.16 10.37 -24.48
C PRO B 117 4.79 11.78 -24.89
N THR B 118 3.50 12.09 -24.92
CA THR B 118 3.01 13.44 -25.14
C THR B 118 3.44 14.35 -24.01
N VAL B 119 3.86 15.56 -24.35
CA VAL B 119 4.38 16.49 -23.36
C VAL B 119 3.57 17.77 -23.39
N SER B 120 3.38 18.35 -22.22
CA SER B 120 2.66 19.61 -22.12
C SER B 120 3.35 20.51 -21.11
N ILE B 121 3.44 21.80 -21.42
CA ILE B 121 4.10 22.75 -20.53
C ILE B 121 3.13 23.84 -20.12
N PHE B 122 3.19 24.17 -18.83
CA PHE B 122 2.29 25.14 -18.25
C PHE B 122 3.01 26.26 -17.51
N PRO B 123 2.63 27.51 -17.80
CA PRO B 123 3.10 28.62 -16.98
C PRO B 123 2.54 28.57 -15.57
N PRO B 124 3.11 29.39 -14.67
CA PRO B 124 2.49 29.51 -13.38
C PRO B 124 1.24 30.33 -13.52
N SER B 125 0.23 29.96 -12.77
CA SER B 125 -1.03 30.68 -12.72
C SER B 125 -0.90 32.09 -12.15
N SER B 126 -1.72 33.00 -12.67
CA SER B 126 -1.78 34.35 -12.13
C SER B 126 -2.05 34.34 -10.64
N GLU B 127 -2.93 33.42 -10.22
CA GLU B 127 -3.39 33.34 -8.82
C GLU B 127 -2.17 33.22 -7.93
N GLN B 128 -1.36 32.23 -8.25
CA GLN B 128 -0.13 31.92 -7.54
C GLN B 128 0.83 33.12 -7.51
N LEU B 129 0.92 33.84 -8.62
CA LEU B 129 1.81 34.99 -8.71
C LEU B 129 1.39 36.03 -7.70
N THR B 130 0.09 36.26 -7.58
CA THR B 130 -0.42 37.19 -6.60
C THR B 130 0.11 36.78 -5.22
N SER B 131 0.15 35.48 -4.98
CA SER B 131 0.72 34.95 -3.76
C SER B 131 2.22 35.22 -3.63
N GLY B 132 2.92 35.32 -4.76
CA GLY B 132 4.34 35.63 -4.75
C GLY B 132 5.24 34.42 -4.95
N GLY B 133 4.63 33.28 -5.26
CA GLY B 133 5.39 32.13 -5.74
C GLY B 133 5.04 31.89 -7.20
N ALA B 134 5.99 31.34 -7.96
CA ALA B 134 5.73 30.95 -9.33
C ALA B 134 6.37 29.61 -9.62
N SER B 135 5.58 28.68 -10.15
CA SER B 135 6.08 27.34 -10.51
C SER B 135 5.63 26.89 -11.89
N VAL B 136 6.46 26.08 -12.54
CA VAL B 136 6.24 25.75 -13.95
C VAL B 136 6.11 24.26 -14.15
N VAL B 137 4.89 23.80 -14.40
CA VAL B 137 4.66 22.38 -14.52
C VAL B 137 4.89 21.93 -15.94
N CYS B 138 5.36 20.72 -16.05
CA CYS B 138 5.49 20.09 -17.33
C CYS B 138 5.03 18.63 -17.16
N PHE B 139 4.00 18.27 -17.93
CA PHE B 139 3.44 16.90 -17.92
C PHE B 139 3.96 16.03 -19.05
N LEU B 140 4.19 14.76 -18.74
CA LEU B 140 4.74 13.80 -19.69
C LEU B 140 3.94 12.51 -19.62
N ASN B 141 3.10 12.29 -20.63
CA ASN B 141 2.06 11.30 -20.51
C ASN B 141 2.12 10.19 -21.54
N ASN B 142 1.73 9.01 -21.08
CA ASN B 142 1.51 7.86 -21.91
C ASN B 142 2.74 7.42 -22.64
N PHE B 143 3.78 7.13 -21.87
CA PHE B 143 4.99 6.57 -22.43
C PHE B 143 5.35 5.20 -21.89
N TYR B 144 6.35 4.61 -22.54
CA TYR B 144 6.95 3.34 -22.18
C TYR B 144 8.21 3.20 -23.04
N PRO B 145 9.27 2.62 -22.49
CA PRO B 145 9.39 2.05 -21.16
C PRO B 145 9.71 3.12 -20.13
N LYS B 146 9.85 2.67 -18.88
CA LYS B 146 9.80 3.56 -17.73
C LYS B 146 10.92 4.56 -17.71
N ASP B 147 12.13 4.11 -18.04
CA ASP B 147 13.33 4.96 -17.94
C ASP B 147 13.19 6.25 -18.76
N ILE B 148 13.21 7.38 -18.06
CA ILE B 148 13.13 8.68 -18.69
C ILE B 148 13.84 9.75 -17.87
N ASN B 149 14.41 10.74 -18.54
CA ASN B 149 15.04 11.82 -17.84
C ASN B 149 14.57 13.17 -18.32
N VAL B 150 14.13 13.98 -17.37
CA VAL B 150 13.60 15.30 -17.67
C VAL B 150 14.69 16.29 -17.37
N LYS B 151 14.74 17.36 -18.17
CA LYS B 151 15.73 18.41 -18.01
C LYS B 151 15.09 19.78 -18.18
N TRP B 152 15.26 20.65 -17.18
CA TRP B 152 14.72 22.00 -17.21
C TRP B 152 15.77 23.01 -17.67
N LYS B 153 15.34 24.03 -18.39
CA LYS B 153 16.25 25.02 -18.96
C LYS B 153 15.63 26.39 -19.01
N ILE B 154 16.16 27.30 -18.22
CA ILE B 154 15.74 28.69 -18.25
C ILE B 154 16.60 29.53 -19.17
N ASP B 155 15.94 30.29 -20.05
CA ASP B 155 16.59 31.24 -20.96
C ASP B 155 17.78 30.57 -21.68
N GLY B 156 17.56 29.34 -22.13
CA GLY B 156 18.60 28.56 -22.81
C GLY B 156 19.56 27.88 -21.85
N SER B 157 19.51 28.25 -20.57
CA SER B 157 20.50 27.81 -19.58
C SER B 157 19.88 26.93 -18.49
N GLU B 158 20.56 25.83 -18.18
CA GLU B 158 20.00 24.80 -17.31
C GLU B 158 19.91 25.20 -15.84
N ARG B 159 18.86 24.70 -15.19
CA ARG B 159 18.72 24.75 -13.74
C ARG B 159 18.49 23.34 -13.18
N GLN B 160 19.30 22.96 -12.19
CA GLN B 160 19.33 21.56 -11.73
C GLN B 160 18.35 21.25 -10.60
N ASN B 161 18.17 22.20 -9.68
CA ASN B 161 17.36 21.94 -8.48
C ASN B 161 16.30 22.99 -8.15
N GLY B 162 15.45 22.67 -7.16
CA GLY B 162 14.16 23.34 -6.97
C GLY B 162 13.06 22.53 -7.64
N VAL B 163 13.48 21.55 -8.44
CA VAL B 163 12.58 20.72 -9.24
C VAL B 163 12.11 19.58 -8.39
N LEU B 164 10.83 19.24 -8.51
CA LEU B 164 10.28 17.97 -8.01
C LEU B 164 9.60 17.20 -9.13
N ASN B 165 9.65 15.87 -9.06
CA ASN B 165 9.07 15.00 -10.08
C ASN B 165 8.26 13.88 -9.46
N SER B 166 7.18 13.49 -10.14
CA SER B 166 6.31 12.40 -9.66
C SER B 166 5.81 11.51 -10.81
N TRP B 167 5.72 10.20 -10.56
CA TRP B 167 5.40 9.21 -11.60
C TRP B 167 4.12 8.48 -11.27
N THR B 168 3.43 8.00 -12.30
CA THR B 168 2.32 7.08 -12.13
C THR B 168 2.84 5.70 -12.44
N ASP B 169 2.05 4.70 -12.11
CA ASP B 169 2.47 3.34 -12.32
C ASP B 169 1.42 2.58 -13.10
N GLN B 170 1.88 1.58 -13.84
CA GLN B 170 1.02 0.72 -14.65
C GLN B 170 -0.15 0.29 -13.82
N ASP B 171 -1.21 -0.07 -14.50
CA ASP B 171 -2.52 -0.11 -13.91
C ASP B 171 -3.30 -1.22 -14.60
N SER B 172 -4.34 -1.72 -13.93
CA SER B 172 -5.25 -2.74 -14.50
C SER B 172 -5.71 -2.41 -15.93
N LYS B 173 -5.72 -1.12 -16.27
CA LYS B 173 -6.05 -0.65 -17.61
C LYS B 173 -4.86 0.05 -18.34
N ASP B 174 -4.35 1.15 -17.79
CA ASP B 174 -3.23 1.84 -18.46
C ASP B 174 -1.93 1.10 -18.18
N SER B 175 -1.20 0.77 -19.23
CA SER B 175 0.12 0.17 -19.11
C SER B 175 1.23 1.19 -19.36
N THR B 176 0.88 2.39 -19.78
CA THR B 176 1.90 3.41 -19.96
C THR B 176 2.20 4.11 -18.66
N TYR B 177 3.33 4.77 -18.65
CA TYR B 177 3.77 5.53 -17.51
C TYR B 177 3.60 7.00 -17.87
N SER B 178 3.01 7.73 -16.93
CA SER B 178 2.96 9.17 -17.03
C SER B 178 3.79 9.78 -15.91
N MET B 179 4.34 10.96 -16.19
CA MET B 179 5.17 11.67 -15.23
C MET B 179 4.85 13.16 -15.17
N SER B 180 4.69 13.67 -13.96
CA SER B 180 4.69 15.11 -13.72
C SER B 180 6.06 15.55 -13.32
N SER B 181 6.34 16.82 -13.57
CA SER B 181 7.56 17.45 -13.11
C SER B 181 7.37 18.93 -12.92
N THR B 182 7.25 19.33 -11.67
CA THR B 182 7.16 20.72 -11.35
C THR B 182 8.55 21.34 -11.18
N LEU B 183 8.68 22.59 -11.59
CA LEU B 183 9.87 23.38 -11.33
C LEU B 183 9.47 24.63 -10.57
N THR B 184 9.97 24.79 -9.36
CA THR B 184 9.41 25.79 -8.44
C THR B 184 10.32 26.97 -8.13
N LEU B 185 9.98 28.12 -8.71
CA LEU B 185 10.70 29.39 -8.50
C LEU B 185 10.03 30.29 -7.47
N THR B 186 10.72 31.38 -7.14
CA THR B 186 10.09 32.54 -6.51
C THR B 186 9.61 33.48 -7.60
N LYS B 187 8.62 34.30 -7.25
CA LYS B 187 7.99 35.21 -8.21
C LYS B 187 9.04 36.11 -8.87
N ASP B 188 9.84 36.77 -8.04
CA ASP B 188 10.81 37.76 -8.51
C ASP B 188 11.75 37.10 -9.51
N GLU B 189 12.25 35.94 -9.13
CA GLU B 189 13.15 35.13 -9.96
C GLU B 189 12.50 34.79 -11.30
N TYR B 190 11.25 34.36 -11.24
CA TYR B 190 10.49 34.04 -12.43
C TYR B 190 10.39 35.26 -13.33
N GLU B 191 10.07 36.40 -12.72
CA GLU B 191 9.81 37.61 -13.45
C GLU B 191 11.01 38.04 -14.27
N ARG B 192 12.20 37.90 -13.68
CA ARG B 192 13.45 38.41 -14.27
C ARG B 192 13.73 37.79 -15.62
N HIS B 193 13.60 36.48 -15.67
CA HIS B 193 13.81 35.75 -16.90
C HIS B 193 12.58 35.71 -17.81
N ASN B 194 12.79 35.17 -19.01
CA ASN B 194 11.74 35.14 -20.02
C ASN B 194 11.37 33.75 -20.54
N SER B 195 12.32 33.01 -21.11
CA SER B 195 11.97 31.76 -21.78
C SER B 195 12.25 30.50 -20.96
N TYR B 196 11.28 29.60 -20.95
CA TYR B 196 11.31 28.37 -20.15
C TYR B 196 10.99 27.15 -21.00
N THR B 197 11.63 26.02 -20.68
CA THR B 197 11.50 24.79 -21.46
C THR B 197 11.82 23.55 -20.66
N CYS B 198 10.94 22.56 -20.72
CA CYS B 198 11.25 21.21 -20.22
C CYS B 198 11.71 20.34 -21.38
N GLU B 199 12.75 19.56 -21.12
CA GLU B 199 13.36 18.70 -22.11
C GLU B 199 13.28 17.26 -21.67
N ALA B 200 13.06 16.39 -22.64
CA ALA B 200 12.74 15.00 -22.37
C ALA B 200 13.62 14.07 -23.19
N THR B 201 14.40 13.24 -22.51
CA THR B 201 15.16 12.19 -23.19
C THR B 201 14.55 10.82 -22.90
N HIS B 202 14.20 10.09 -23.96
CA HIS B 202 13.56 8.77 -23.86
C HIS B 202 13.97 7.85 -25.02
N LYS B 203 13.96 6.53 -24.79
CA LYS B 203 14.33 5.53 -25.83
C LYS B 203 13.79 5.96 -27.18
N THR B 204 12.48 6.12 -27.21
CA THR B 204 11.70 6.29 -28.43
C THR B 204 12.16 7.45 -29.33
N SER B 205 12.92 8.39 -28.78
CA SER B 205 13.36 9.52 -29.59
C SER B 205 14.86 9.83 -29.45
N THR B 206 15.60 9.51 -30.50
CA THR B 206 17.01 9.90 -30.67
C THR B 206 17.24 11.39 -30.32
N SER B 207 16.36 12.23 -30.83
CA SER B 207 16.41 13.68 -30.60
C SER B 207 15.56 14.06 -29.36
N PRO B 208 16.16 14.77 -28.39
CA PRO B 208 15.45 15.06 -27.13
C PRO B 208 14.18 15.90 -27.32
N ILE B 209 13.12 15.52 -26.64
CA ILE B 209 11.81 16.14 -26.80
C ILE B 209 11.68 17.41 -25.96
N VAL B 210 11.11 18.44 -26.58
CA VAL B 210 11.10 19.79 -25.99
C VAL B 210 9.74 20.48 -26.11
N LYS B 211 9.32 21.17 -25.05
CA LYS B 211 8.24 22.17 -25.13
C LYS B 211 8.71 23.38 -24.39
N SER B 212 8.58 24.53 -25.02
CA SER B 212 9.08 25.77 -24.46
C SER B 212 7.96 26.75 -24.45
N PHE B 213 8.06 27.76 -23.59
CA PHE B 213 7.12 28.87 -23.62
C PHE B 213 7.78 30.18 -23.23
N ASN B 214 7.79 31.13 -24.15
CA ASN B 214 8.26 32.50 -23.89
C ASN B 214 7.32 33.21 -22.94
N ARG B 215 7.87 33.86 -21.91
CA ARG B 215 7.06 34.67 -21.01
C ARG B 215 6.47 35.81 -21.81
N ASN B 216 5.21 36.14 -21.55
CA ASN B 216 4.43 36.98 -22.46
C ASN B 216 4.18 36.34 -23.85
N PRO C 11 -43.88 -33.57 17.70
CA PRO C 11 -42.56 -34.13 17.96
C PRO C 11 -41.60 -33.16 18.67
N HYP C 12 -40.31 -33.52 18.70
CA HYP C 12 -39.23 -32.71 19.22
C HYP C 12 -38.71 -31.63 18.38
O HYP C 12 -38.71 -31.81 17.18
CB HYP C 12 -38.23 -33.45 20.07
CG HYP C 12 -38.43 -34.85 19.55
CD HYP C 12 -39.61 -34.83 18.57
OD1 HYP C 12 -38.69 -35.69 20.68
N GLY C 13 -38.21 -30.54 18.97
CA GLY C 13 -37.55 -29.49 18.20
C GLY C 13 -36.20 -29.91 17.64
N PRO C 14 -35.63 -29.08 16.74
CA PRO C 14 -34.35 -29.46 16.16
C PRO C 14 -33.20 -29.28 17.16
N HYP C 15 -32.02 -29.80 16.83
CA HYP C 15 -30.79 -29.58 17.58
C HYP C 15 -30.30 -28.18 17.67
O HYP C 15 -30.42 -27.48 16.69
CB HYP C 15 -29.85 -30.76 17.51
CG HYP C 15 -30.36 -31.49 16.30
CD HYP C 15 -31.64 -30.80 15.82
OD1 HYP C 15 -30.64 -32.86 16.66
N GLY C 16 -29.76 -27.78 18.82
CA GLY C 16 -29.19 -26.43 18.99
C GLY C 16 -27.91 -26.22 18.20
N MET C 17 -27.52 -24.96 18.03
CA MET C 17 -26.34 -24.68 17.24
C MET C 17 -25.10 -25.33 17.83
N HYP C 18 -24.09 -25.61 16.99
CA HYP C 18 -22.79 -26.05 17.45
C HYP C 18 -22.11 -25.22 18.48
O HYP C 18 -22.27 -24.01 18.43
CB HYP C 18 -22.00 -26.79 16.39
CG HYP C 18 -22.81 -26.53 15.14
CD HYP C 18 -23.96 -25.61 15.52
OD1 HYP C 18 -23.30 -27.77 14.65
N GLY C 19 -21.35 -25.84 19.38
CA GLY C 19 -20.67 -25.11 20.46
C GLY C 19 -19.61 -24.15 19.99
N GLU C 20 -19.23 -23.22 20.86
CA GLU C 20 -18.26 -22.20 20.46
C GLU C 20 -16.90 -22.85 20.21
N ARG C 21 -16.13 -22.23 19.33
CA ARG C 21 -14.87 -22.81 18.89
C ARG C 21 -13.78 -22.65 19.93
N GLY C 22 -12.87 -23.62 19.98
CA GLY C 22 -11.82 -23.60 20.96
C GLY C 22 -10.94 -22.37 20.80
N ALA C 23 -10.24 -22.05 21.88
CA ALA C 23 -9.37 -20.87 21.91
C ALA C 23 -8.12 -21.13 21.10
N ALA C 24 -7.56 -20.05 20.56
CA ALA C 24 -6.32 -20.19 19.83
C ALA C 24 -5.27 -20.84 20.71
N GLY C 25 -4.46 -21.68 20.10
CA GLY C 25 -3.47 -22.47 20.83
C GLY C 25 -2.45 -21.58 21.52
N ILE C 26 -1.82 -22.14 22.53
CA ILE C 26 -0.78 -21.41 23.26
C ILE C 26 0.45 -21.15 22.40
N ALA C 27 1.15 -20.07 22.72
CA ALA C 27 2.27 -19.61 21.88
C ALA C 27 3.46 -20.55 21.98
N GLY C 28 4.24 -20.59 20.91
CA GLY C 28 5.36 -21.51 20.83
C GLY C 28 6.53 -21.11 21.71
N PRO C 29 7.30 -22.11 22.19
CA PRO C 29 8.39 -21.85 23.12
C PRO C 29 9.77 -21.67 22.48
N LYS C 30 10.73 -21.22 23.28
CA LYS C 30 12.11 -21.07 22.83
C LYS C 30 12.73 -22.38 22.35
N GLY C 31 13.60 -22.28 21.36
CA GLY C 31 14.23 -23.45 20.75
C GLY C 31 15.28 -24.13 21.61
N PRO C 32 15.74 -25.31 21.16
CA PRO C 32 16.90 -25.92 21.80
C PRO C 32 18.16 -25.09 21.55
N HYP C 33 19.08 -25.08 22.52
CA HYP C 33 20.48 -24.63 22.45
C HYP C 33 21.31 -25.22 21.34
O HYP C 33 21.08 -26.37 21.03
CB HYP C 33 21.03 -24.27 23.82
CG HYP C 33 20.16 -25.15 24.71
CD HYP C 33 19.00 -25.68 23.86
OD1 HYP C 33 19.64 -24.42 25.80
N GLY C 34 22.26 -24.46 20.78
CA GLY C 34 23.17 -24.97 19.72
C GLY C 34 24.41 -25.69 20.25
N PRO C 35 25.23 -26.29 19.37
CA PRO C 35 26.32 -27.15 19.86
C PRO C 35 27.58 -26.40 20.30
N HYP D 9 -44.85 -28.59 17.62
CA HYP D 9 -43.59 -29.26 17.96
C HYP D 9 -42.99 -28.69 19.23
O HYP D 9 -43.69 -27.96 19.94
CB HYP D 9 -42.65 -29.12 16.76
CG HYP D 9 -43.45 -28.52 15.62
CD HYP D 9 -44.83 -28.20 16.20
OD1 HYP D 9 -43.55 -29.46 14.56
N GLY D 10 -41.73 -29.01 19.51
CA GLY D 10 -41.00 -28.41 20.64
C GLY D 10 -39.94 -27.43 20.18
N PRO D 11 -39.39 -26.63 21.13
CA PRO D 11 -38.35 -25.68 20.76
C PRO D 11 -37.04 -26.43 20.49
N HYP D 12 -36.07 -25.78 19.83
CA HYP D 12 -34.79 -26.48 19.56
C HYP D 12 -34.00 -26.75 20.83
O HYP D 12 -34.24 -26.16 21.89
CB HYP D 12 -33.98 -25.63 18.58
CG HYP D 12 -34.75 -24.35 18.36
CD HYP D 12 -36.03 -24.46 19.19
OD1 HYP D 12 -35.03 -24.22 16.97
N GLY D 13 -33.05 -27.68 20.71
CA GLY D 13 -32.20 -28.04 21.84
C GLY D 13 -31.21 -26.95 22.18
N PRO D 14 -30.55 -27.08 23.33
CA PRO D 14 -29.59 -26.03 23.67
C PRO D 14 -28.33 -26.08 22.78
N HYP D 15 -27.55 -24.99 22.74
CA HYP D 15 -26.17 -24.96 22.23
C HYP D 15 -25.24 -26.03 22.67
O HYP D 15 -25.24 -26.33 23.85
CB HYP D 15 -25.71 -23.56 21.89
CG HYP D 15 -26.65 -22.72 22.74
CD HYP D 15 -27.66 -23.67 23.40
OD1 HYP D 15 -27.32 -21.77 21.91
N GLY D 16 -24.44 -26.56 21.76
CA GLY D 16 -23.45 -27.59 22.11
C GLY D 16 -22.31 -27.05 22.96
N MET D 17 -21.59 -27.95 23.62
CA MET D 17 -20.45 -27.52 24.46
C MET D 17 -19.32 -26.93 23.59
N HYP D 18 -18.48 -26.05 24.17
CA HYP D 18 -17.40 -25.47 23.38
C HYP D 18 -16.34 -26.47 23.00
O HYP D 18 -16.17 -27.53 23.65
CB HYP D 18 -16.84 -24.25 24.09
CG HYP D 18 -17.70 -24.10 25.33
CD HYP D 18 -18.52 -25.37 25.47
OD1 HYP D 18 -18.56 -22.98 25.14
N GLY D 19 -15.64 -26.17 21.91
CA GLY D 19 -14.66 -27.07 21.28
C GLY D 19 -13.30 -27.14 21.93
N GLU D 20 -12.50 -28.10 21.49
CA GLU D 20 -11.14 -28.26 21.99
C GLU D 20 -10.29 -27.04 21.67
N ARG D 21 -9.34 -26.69 22.55
CA ARG D 21 -8.50 -25.52 22.29
C ARG D 21 -7.44 -25.91 21.27
N GLY D 22 -7.02 -24.90 20.52
CA GLY D 22 -6.15 -25.14 19.37
C GLY D 22 -4.83 -25.75 19.79
N ALA D 23 -4.12 -26.32 18.83
CA ALA D 23 -2.83 -26.92 19.11
C ALA D 23 -1.82 -25.85 19.45
N ALA D 24 -0.88 -26.23 20.31
CA ALA D 24 0.18 -25.31 20.70
C ALA D 24 1.12 -25.05 19.53
N GLY D 25 1.60 -23.82 19.45
CA GLY D 25 2.54 -23.40 18.42
C GLY D 25 3.90 -24.06 18.54
N ILE D 26 4.57 -24.23 17.42
CA ILE D 26 5.86 -24.91 17.42
C ILE D 26 6.99 -24.14 18.12
N ALA D 27 7.99 -24.88 18.57
CA ALA D 27 9.20 -24.29 19.11
C ALA D 27 10.07 -23.74 17.99
N GLY D 28 10.87 -22.73 18.33
CA GLY D 28 11.80 -22.11 17.41
C GLY D 28 12.99 -22.99 17.10
N PRO D 29 13.66 -22.74 15.98
CA PRO D 29 14.76 -23.61 15.58
C PRO D 29 16.00 -23.42 16.47
N LYS D 30 17.00 -24.28 16.26
CA LYS D 30 18.21 -24.29 17.08
C LYS D 30 18.97 -22.95 17.10
N GLY D 31 19.56 -22.65 18.24
CA GLY D 31 20.29 -21.42 18.46
C GLY D 31 21.66 -21.34 17.83
N PRO D 32 22.31 -20.19 17.97
CA PRO D 32 23.67 -20.09 17.44
C PRO D 32 24.64 -21.09 18.11
N HYP D 33 25.82 -21.27 17.51
CA HYP D 33 26.83 -22.23 17.94
C HYP D 33 27.57 -21.92 19.19
O HYP D 33 28.02 -20.79 19.35
CB HYP D 33 27.40 -22.98 16.76
CG HYP D 33 27.29 -21.90 15.68
CD HYP D 33 26.40 -20.78 16.24
OD1 HYP D 33 26.70 -22.43 14.50
N GLY D 34 27.71 -22.92 20.06
CA GLY D 34 28.56 -22.85 21.24
C GLY D 34 30.03 -22.78 20.91
N GLY E 10 -44.37 -31.16 21.95
CA GLY E 10 -43.24 -32.12 22.17
C GLY E 10 -42.10 -31.57 23.01
N PRO E 11 -41.17 -32.45 23.42
CA PRO E 11 -40.03 -31.97 24.20
C PRO E 11 -39.04 -31.23 23.29
N HYP E 12 -38.08 -30.48 23.84
CA HYP E 12 -37.05 -29.80 23.01
C HYP E 12 -36.08 -30.75 22.31
O HYP E 12 -36.01 -31.93 22.64
CB HYP E 12 -36.29 -28.81 23.91
CG HYP E 12 -36.78 -29.01 25.32
CD HYP E 12 -37.86 -30.08 25.26
OD1 HYP E 12 -37.32 -27.77 25.79
N GLY E 13 -35.34 -30.23 21.32
CA GLY E 13 -34.35 -31.02 20.61
C GLY E 13 -33.12 -31.34 21.44
N PRO E 14 -32.21 -32.20 20.92
CA PRO E 14 -31.01 -32.55 21.69
C PRO E 14 -29.98 -31.42 21.66
N HYP E 15 -28.96 -31.47 22.53
CA HYP E 15 -27.95 -30.41 22.51
C HYP E 15 -27.10 -30.51 21.27
O HYP E 15 -26.92 -31.60 20.71
CB HYP E 15 -27.15 -30.45 23.82
CG HYP E 15 -27.70 -31.64 24.60
CD HYP E 15 -28.73 -32.33 23.70
OD1 HYP E 15 -28.32 -31.16 25.79
N GLY E 16 -26.59 -29.36 20.82
CA GLY E 16 -25.82 -29.27 19.58
C GLY E 16 -24.45 -29.92 19.67
N MET E 17 -23.88 -30.26 18.51
CA MET E 17 -22.61 -30.96 18.54
C MET E 17 -21.53 -30.05 19.12
N HYP E 18 -20.46 -30.66 19.66
CA HYP E 18 -19.26 -29.96 20.09
C HYP E 18 -18.66 -29.00 19.14
O HYP E 18 -18.63 -29.30 17.95
CB HYP E 18 -18.42 -30.72 21.10
CG HYP E 18 -19.03 -32.11 21.02
CD HYP E 18 -20.13 -32.07 19.96
OD1 HYP E 18 -19.57 -32.42 22.30
N GLY E 19 -18.13 -27.89 19.64
CA GLY E 19 -17.56 -26.85 18.78
C GLY E 19 -16.29 -27.28 18.07
N GLU E 20 -15.94 -26.54 17.02
CA GLU E 20 -14.71 -26.82 16.28
C GLU E 20 -13.48 -26.55 17.15
N ARG E 21 -12.37 -27.23 16.87
CA ARG E 21 -11.12 -26.91 17.55
C ARG E 21 -10.55 -25.60 17.05
N GLY E 22 -9.92 -24.85 17.93
CA GLY E 22 -9.38 -23.54 17.62
C GLY E 22 -8.12 -23.57 16.80
N ALA E 23 -7.67 -22.37 16.42
CA ALA E 23 -6.48 -22.23 15.61
C ALA E 23 -5.25 -22.55 16.42
N ALA E 24 -4.23 -23.05 15.74
CA ALA E 24 -2.91 -23.27 16.34
C ALA E 24 -2.20 -21.96 16.70
N GLY E 25 -1.47 -22.01 17.82
CA GLY E 25 -0.69 -20.88 18.30
C GLY E 25 0.51 -20.53 17.44
N ILE E 26 0.96 -19.30 17.57
CA ILE E 26 2.15 -18.84 16.85
C ILE E 26 3.39 -19.58 17.27
N ALA E 27 4.36 -19.63 16.36
CA ALA E 27 5.62 -20.32 16.62
C ALA E 27 6.48 -19.54 17.61
N GLY E 28 7.35 -20.26 18.30
CA GLY E 28 8.30 -19.68 19.25
C GLY E 28 9.51 -19.05 18.61
N PRO E 29 10.33 -18.32 19.43
CA PRO E 29 11.59 -17.75 18.96
C PRO E 29 12.78 -18.69 19.09
N LYS E 30 13.89 -18.31 18.45
CA LYS E 30 15.07 -19.16 18.35
C LYS E 30 15.72 -19.51 19.68
N GLY E 31 16.27 -20.73 19.78
CA GLY E 31 16.89 -21.21 21.02
C GLY E 31 18.14 -20.45 21.42
N PRO E 32 18.44 -20.38 22.74
CA PRO E 32 19.68 -19.68 23.10
C PRO E 32 20.94 -20.39 22.56
N HYP E 33 22.11 -19.72 22.60
CA HYP E 33 23.42 -20.21 22.16
C HYP E 33 24.10 -21.26 22.96
O HYP E 33 24.09 -21.18 24.18
CB HYP E 33 24.13 -19.12 21.41
CG HYP E 33 23.62 -17.90 22.15
CD HYP E 33 22.43 -18.34 23.02
OD1 HYP E 33 23.18 -16.88 21.24
N GLY E 34 24.73 -22.24 22.30
CA GLY E 34 25.51 -23.28 23.00
C GLY E 34 26.68 -22.78 23.83
#